data_1JDJ
#
_entry.id   1JDJ
#
_cell.length_a   70.3
_cell.length_b   70.3
_cell.length_c   210.9
_cell.angle_alpha   90.0
_cell.angle_beta   90.0
_cell.angle_gamma   90.0
#
_symmetry.space_group_name_H-M   'P 41 21 2'
#
loop_
_entity.id
_entity.type
_entity.pdbx_description
1 polymer 'GLYCEROL-3-PHOSPHATE DEHYDROGENASE'
2 non-polymer 6-CHLORO-2-FLUOROPURINE
3 non-polymer PENTADECANE
4 water water
#
_entity_poly.entity_id   1
_entity_poly.type   'polypeptide(L)'
_entity_poly.pdbx_seq_one_letter_code
;MSTKQHSAKDELLYLNKAVVFGSGAFGTALAMVLSKKCREVCVWHMNEEEVRLVNEKRENVLFLKGVQLASNITFTSDVE
KAYNGAEIILFVIPTQFLRGFFEKSGGNLIAYAKEKQVPVLVCTKGIERSTLKFPAEIIGEFLPSPLLSVLAGPSFAIEV
ATGVFTCVSIASADINVARRLQRIMSTGDRSFVCWATTDTVGCEVASAVKNVLAIGSGVANGLGMGLNARAALIMRGLLE
IRDLTAALGGDGSAVFGLAGLGDLQLTCSSELSRNFTVGKKLGKGLPIEEIQRTSKAVAEGVATADPLMRLAKQLKVKMP
LCHQIYEIVYKKKNPRDALADLLSCGLQDEGLPPLFKRSASTPSKL
;
_entity_poly.pdbx_strand_id   A
#
# COMPACT_ATOMS: atom_id res chain seq x y z
N LYS A 9 -17.36 8.92 18.96
CA LYS A 9 -16.83 10.27 19.30
C LYS A 9 -15.97 10.80 18.16
N ASP A 10 -16.40 11.90 17.56
CA ASP A 10 -15.69 12.51 16.44
C ASP A 10 -14.59 13.46 16.95
N GLU A 11 -14.28 13.34 18.24
CA GLU A 11 -13.26 14.16 18.87
C GLU A 11 -11.88 13.52 18.67
N LEU A 12 -10.94 14.29 18.14
CA LEU A 12 -9.60 13.78 17.88
C LEU A 12 -8.81 13.41 19.12
N LEU A 13 -7.79 12.59 18.94
CA LEU A 13 -6.92 12.15 20.02
C LEU A 13 -5.51 12.61 19.70
N TYR A 14 -4.85 13.22 20.67
CA TYR A 14 -3.48 13.65 20.48
C TYR A 14 -2.58 12.79 21.36
N LEU A 15 -1.37 12.51 20.88
CA LEU A 15 -0.46 11.67 21.63
C LEU A 15 0.85 12.37 21.95
N ASN A 16 1.62 11.76 22.84
CA ASN A 16 2.92 12.32 23.21
C ASN A 16 3.96 11.84 22.22
N LYS A 17 3.88 10.57 21.81
CA LYS A 17 4.85 10.04 20.87
C LYS A 17 4.31 9.02 19.89
N ALA A 18 4.88 9.01 18.69
CA ALA A 18 4.51 8.08 17.65
C ALA A 18 5.80 7.62 17.00
N VAL A 19 5.84 6.37 16.57
CA VAL A 19 7.03 5.85 15.90
C VAL A 19 6.64 5.23 14.56
N VAL A 20 7.45 5.51 13.56
CA VAL A 20 7.20 4.97 12.23
C VAL A 20 8.40 4.17 11.76
N PHE A 21 8.22 2.87 11.59
CA PHE A 21 9.30 2.01 11.11
C PHE A 21 9.17 1.92 9.59
N GLY A 22 10.08 2.58 8.90
CA GLY A 22 10.05 2.62 7.45
C GLY A 22 10.23 4.08 7.10
N SER A 23 11.32 4.40 6.40
CA SER A 23 11.63 5.78 6.05
C SER A 23 11.39 6.14 4.59
N GLY A 24 10.52 5.38 3.93
CA GLY A 24 10.22 5.67 2.54
C GLY A 24 9.38 6.91 2.38
N ALA A 25 8.96 7.19 1.15
CA ALA A 25 8.16 8.37 0.86
C ALA A 25 6.85 8.38 1.65
N PHE A 26 6.11 7.28 1.59
CA PHE A 26 4.84 7.15 2.27
C PHE A 26 5.02 7.21 3.79
N GLY A 27 6.04 6.52 4.28
CA GLY A 27 6.31 6.51 5.71
C GLY A 27 6.65 7.91 6.21
N THR A 28 7.47 8.64 5.46
CA THR A 28 7.84 10.00 5.84
C THR A 28 6.60 10.90 5.76
N ALA A 29 5.80 10.71 4.72
CA ALA A 29 4.59 11.50 4.56
C ALA A 29 3.70 11.32 5.78
N LEU A 30 3.56 10.07 6.22
CA LEU A 30 2.73 9.76 7.38
C LEU A 30 3.32 10.33 8.67
N ALA A 31 4.65 10.47 8.70
CA ALA A 31 5.33 11.04 9.87
C ALA A 31 4.92 12.51 9.95
N MET A 32 4.79 13.14 8.79
CA MET A 32 4.39 14.55 8.72
C MET A 32 2.97 14.66 9.25
N VAL A 33 2.12 13.71 8.88
CA VAL A 33 0.73 13.72 9.35
C VAL A 33 0.71 13.62 10.86
N LEU A 34 1.49 12.70 11.41
CA LEU A 34 1.54 12.50 12.85
C LEU A 34 2.17 13.67 13.62
N SER A 35 3.06 14.42 12.98
CA SER A 35 3.69 15.55 13.65
C SER A 35 2.65 16.60 14.06
N LYS A 36 1.45 16.49 13.50
CA LYS A 36 0.38 17.44 13.82
C LYS A 36 -0.55 16.91 14.89
N LYS A 37 -0.30 15.68 15.34
CA LYS A 37 -1.14 15.03 16.34
C LYS A 37 -0.32 14.42 17.47
N CYS A 38 1.00 14.41 17.30
CA CYS A 38 1.89 13.83 18.30
C CYS A 38 3.04 14.79 18.60
N ARG A 39 3.24 15.07 19.87
CA ARG A 39 4.32 15.97 20.28
C ARG A 39 5.65 15.52 19.70
N GLU A 40 5.89 14.20 19.72
CA GLU A 40 7.13 13.65 19.19
C GLU A 40 6.87 12.51 18.21
N VAL A 41 7.65 12.47 17.13
CA VAL A 41 7.53 11.44 16.11
C VAL A 41 8.91 10.94 15.70
N CYS A 42 9.16 9.65 15.89
CA CYS A 42 10.44 9.07 15.52
C CYS A 42 10.28 8.25 14.24
N VAL A 43 11.25 8.37 13.36
CA VAL A 43 11.24 7.63 12.12
C VAL A 43 12.49 6.76 12.04
N TRP A 44 12.32 5.45 12.16
CA TRP A 44 13.44 4.53 12.11
C TRP A 44 13.96 4.27 10.71
N HIS A 45 15.28 4.39 10.57
CA HIS A 45 15.98 4.17 9.31
C HIS A 45 17.26 3.43 9.71
N MET A 46 17.53 2.29 9.07
CA MET A 46 18.71 1.48 9.41
C MET A 46 20.08 2.16 9.31
N ASN A 47 20.37 2.79 8.18
CA ASN A 47 21.66 3.44 7.99
C ASN A 47 21.85 4.68 8.87
N GLU A 48 22.70 4.55 9.88
CA GLU A 48 22.97 5.65 10.80
C GLU A 48 23.57 6.88 10.13
N GLU A 49 24.46 6.66 9.18
CA GLU A 49 25.09 7.76 8.46
C GLU A 49 24.03 8.60 7.76
N GLU A 50 23.09 7.92 7.10
CA GLU A 50 22.02 8.60 6.39
C GLU A 50 21.04 9.27 7.35
N VAL A 51 20.88 8.68 8.54
CA VAL A 51 19.99 9.24 9.55
C VAL A 51 20.49 10.63 9.94
N ARG A 52 21.78 10.72 10.25
CA ARG A 52 22.38 11.98 10.64
C ARG A 52 22.18 13.03 9.56
N LEU A 53 22.38 12.62 8.32
CA LEU A 53 22.21 13.52 7.18
C LEU A 53 20.79 14.10 7.17
N VAL A 54 19.80 13.22 7.22
CA VAL A 54 18.40 13.64 7.21
C VAL A 54 18.07 14.60 8.35
N ASN A 55 18.57 14.29 9.55
CA ASN A 55 18.31 15.16 10.71
C ASN A 55 19.03 16.50 10.58
N GLU A 56 20.15 16.52 9.86
CA GLU A 56 20.90 17.74 9.68
C GLU A 56 20.17 18.67 8.71
N LYS A 57 19.90 18.17 7.51
CA LYS A 57 19.20 18.94 6.49
C LYS A 57 17.70 18.99 6.74
N ARG A 58 17.26 18.44 7.85
CA ARG A 58 15.84 18.41 8.20
C ARG A 58 14.98 18.11 6.98
N GLU A 59 15.42 17.13 6.20
CA GLU A 59 14.71 16.75 4.99
C GLU A 59 15.12 15.35 4.55
N ASN A 60 14.14 14.51 4.25
CA ASN A 60 14.44 13.16 3.79
C ASN A 60 14.86 13.28 2.33
N VAL A 61 16.12 13.64 2.12
CA VAL A 61 16.64 13.81 0.77
C VAL A 61 16.76 12.47 0.06
N LEU A 62 16.53 11.39 0.79
CA LEU A 62 16.62 10.06 0.21
C LEU A 62 15.33 9.61 -0.48
N PHE A 63 14.19 9.82 0.16
CA PHE A 63 12.92 9.38 -0.44
C PHE A 63 11.77 10.39 -0.45
N LEU A 64 12.03 11.63 -0.07
CA LEU A 64 10.98 12.65 -0.08
C LEU A 64 11.62 14.02 -0.22
N LYS A 65 12.48 14.16 -1.22
CA LYS A 65 13.18 15.41 -1.46
C LYS A 65 12.22 16.58 -1.70
N GLY A 66 12.59 17.75 -1.18
CA GLY A 66 11.77 18.94 -1.37
C GLY A 66 10.81 19.25 -0.25
N VAL A 67 10.64 18.31 0.69
CA VAL A 67 9.72 18.55 1.80
C VAL A 67 10.48 18.73 3.11
N GLN A 68 10.29 19.88 3.73
CA GLN A 68 10.96 20.15 4.98
C GLN A 68 10.17 19.47 6.10
N LEU A 69 10.87 18.67 6.89
CA LEU A 69 10.23 17.93 7.98
C LEU A 69 9.92 18.82 9.17
N ALA A 70 8.81 18.54 9.84
CA ALA A 70 8.43 19.30 11.01
C ALA A 70 9.58 19.12 12.00
N SER A 71 9.83 20.15 12.81
CA SER A 71 10.91 20.10 13.78
C SER A 71 10.74 19.01 14.83
N ASN A 72 9.53 18.50 15.00
CA ASN A 72 9.29 17.46 16.00
C ASN A 72 9.35 16.04 15.43
N ILE A 73 10.00 15.91 14.28
CA ILE A 73 10.18 14.62 13.63
C ILE A 73 11.67 14.30 13.71
N THR A 74 12.01 13.15 14.28
CA THR A 74 13.41 12.79 14.41
C THR A 74 13.71 11.39 13.88
N PHE A 75 14.64 11.32 12.92
CA PHE A 75 15.04 10.05 12.34
C PHE A 75 16.03 9.38 13.31
N THR A 76 16.08 8.05 13.29
CA THR A 76 16.96 7.30 14.17
C THR A 76 17.20 5.89 13.65
N SER A 77 18.38 5.35 13.94
CA SER A 77 18.73 4.00 13.51
C SER A 77 18.61 3.04 14.69
N ASP A 78 18.21 3.57 15.83
CA ASP A 78 18.07 2.78 17.04
C ASP A 78 16.63 2.32 17.25
N VAL A 79 16.37 1.07 16.92
CA VAL A 79 15.05 0.47 17.05
C VAL A 79 14.46 0.63 18.45
N GLU A 80 15.27 0.41 19.47
CA GLU A 80 14.81 0.51 20.85
C GLU A 80 14.36 1.92 21.21
N LYS A 81 15.21 2.90 20.94
CA LYS A 81 14.88 4.29 21.25
C LYS A 81 13.69 4.73 20.40
N ALA A 82 13.60 4.21 19.19
CA ALA A 82 12.52 4.54 18.29
C ALA A 82 11.12 4.30 18.87
N TYR A 83 10.84 3.05 19.28
CA TYR A 83 9.52 2.73 19.82
C TYR A 83 9.34 3.05 21.29
N ASN A 84 10.45 3.22 22.01
CA ASN A 84 10.39 3.54 23.44
C ASN A 84 9.45 4.72 23.72
N GLY A 85 8.38 4.45 24.44
CA GLY A 85 7.43 5.51 24.76
C GLY A 85 6.35 5.76 23.71
N ALA A 86 6.53 5.26 22.49
CA ALA A 86 5.54 5.48 21.44
C ALA A 86 4.14 4.97 21.84
N GLU A 87 3.12 5.70 21.42
CA GLU A 87 1.74 5.36 21.74
C GLU A 87 0.98 4.85 20.51
N ILE A 88 1.69 4.76 19.40
CA ILE A 88 1.15 4.22 18.16
C ILE A 88 2.38 3.84 17.36
N ILE A 89 2.30 2.71 16.68
CA ILE A 89 3.40 2.20 15.90
C ILE A 89 2.95 1.95 14.48
N LEU A 90 3.69 2.51 13.52
CA LEU A 90 3.37 2.33 12.12
C LEU A 90 4.46 1.50 11.47
N PHE A 91 4.06 0.56 10.62
CA PHE A 91 5.02 -0.25 9.91
C PHE A 91 4.89 0.08 8.43
N VAL A 92 6.00 0.48 7.83
CA VAL A 92 6.01 0.82 6.42
C VAL A 92 7.24 0.17 5.79
N ILE A 93 7.82 -0.77 6.52
CA ILE A 93 8.99 -1.50 6.03
C ILE A 93 8.56 -2.33 4.82
N PRO A 94 9.39 -2.38 3.78
CA PRO A 94 9.02 -3.15 2.58
C PRO A 94 8.71 -4.60 2.95
N THR A 95 7.77 -5.20 2.22
CA THR A 95 7.33 -6.56 2.45
C THR A 95 8.45 -7.59 2.58
N GLN A 96 9.40 -7.56 1.65
CA GLN A 96 10.52 -8.50 1.66
C GLN A 96 11.40 -8.43 2.91
N PHE A 97 11.36 -7.32 3.63
CA PHE A 97 12.19 -7.18 4.83
C PHE A 97 11.39 -7.27 6.12
N LEU A 98 10.06 -7.27 6.00
CA LEU A 98 9.18 -7.33 7.18
C LEU A 98 9.46 -8.45 8.18
N ARG A 99 9.38 -9.70 7.73
CA ARG A 99 9.59 -10.84 8.61
C ARG A 99 10.98 -10.80 9.26
N GLY A 100 11.99 -10.60 8.44
CA GLY A 100 13.35 -10.53 8.95
C GLY A 100 13.53 -9.45 10.01
N PHE A 101 12.84 -8.34 9.86
CA PHE A 101 12.94 -7.26 10.84
C PHE A 101 12.44 -7.72 12.20
N PHE A 102 11.27 -8.37 12.20
CA PHE A 102 10.70 -8.85 13.45
C PHE A 102 11.53 -9.94 14.11
N GLU A 103 12.10 -10.83 13.32
CA GLU A 103 12.92 -11.92 13.85
C GLU A 103 14.23 -11.41 14.44
N LYS A 104 14.89 -10.51 13.73
CA LYS A 104 16.18 -9.97 14.15
C LYS A 104 16.16 -8.74 15.06
N SER A 105 15.11 -7.93 15.01
CA SER A 105 15.08 -6.72 15.83
C SER A 105 13.77 -6.39 16.52
N GLY A 106 12.76 -7.25 16.38
CA GLY A 106 11.48 -6.96 16.99
C GLY A 106 11.19 -7.57 18.35
N GLY A 107 12.12 -8.37 18.86
CA GLY A 107 11.92 -9.02 20.15
C GLY A 107 11.31 -8.15 21.23
N ASN A 108 12.04 -7.15 21.68
CA ASN A 108 11.54 -6.26 22.73
C ASN A 108 10.40 -5.41 22.21
N LEU A 109 10.51 -4.97 20.95
CA LEU A 109 9.45 -4.17 20.34
C LEU A 109 8.11 -4.88 20.52
N ILE A 110 8.07 -6.15 20.12
CA ILE A 110 6.86 -6.96 20.23
C ILE A 110 6.39 -7.04 21.68
N ALA A 111 7.31 -7.33 22.59
CA ALA A 111 6.98 -7.43 24.01
C ALA A 111 6.38 -6.11 24.50
N TYR A 112 7.03 -5.02 24.16
CA TYR A 112 6.55 -3.70 24.56
C TYR A 112 5.14 -3.47 24.02
N ALA A 113 4.96 -3.69 22.72
CA ALA A 113 3.64 -3.50 22.10
C ALA A 113 2.55 -4.28 22.81
N LYS A 114 2.85 -5.53 23.15
CA LYS A 114 1.88 -6.38 23.85
C LYS A 114 1.68 -5.88 25.27
N GLU A 115 2.79 -5.65 25.96
CA GLU A 115 2.77 -5.17 27.33
C GLU A 115 1.92 -3.90 27.48
N LYS A 116 2.28 -2.88 26.71
CA LYS A 116 1.57 -1.60 26.77
C LYS A 116 0.34 -1.50 25.89
N GLN A 117 -0.02 -2.58 25.20
CA GLN A 117 -1.20 -2.56 24.34
C GLN A 117 -1.18 -1.39 23.35
N VAL A 118 -0.02 -1.16 22.73
CA VAL A 118 0.12 -0.06 21.78
C VAL A 118 -0.47 -0.41 20.42
N PRO A 119 -1.33 0.46 19.88
CA PRO A 119 -1.93 0.21 18.57
C PRO A 119 -0.87 0.17 17.47
N VAL A 120 -1.02 -0.77 16.55
CA VAL A 120 -0.08 -0.90 15.45
C VAL A 120 -0.84 -0.69 14.16
N LEU A 121 -0.29 0.16 13.29
CA LEU A 121 -0.93 0.47 12.01
C LEU A 121 -0.08 -0.02 10.86
N VAL A 122 -0.61 -0.97 10.10
CA VAL A 122 0.12 -1.55 8.97
C VAL A 122 -0.08 -0.72 7.71
N CYS A 123 1.03 -0.21 7.18
CA CYS A 123 1.02 0.63 5.99
C CYS A 123 1.82 0.00 4.88
N THR A 124 2.48 -1.12 5.19
CA THR A 124 3.27 -1.85 4.22
C THR A 124 2.30 -2.55 3.26
N LYS A 125 2.70 -2.66 2.00
CA LYS A 125 1.86 -3.27 0.99
C LYS A 125 2.63 -4.22 0.09
N GLY A 126 2.01 -5.34 -0.27
CA GLY A 126 2.66 -6.30 -1.14
C GLY A 126 2.33 -7.73 -0.77
N ILE A 127 3.09 -8.66 -1.35
CA ILE A 127 2.89 -10.09 -1.08
C ILE A 127 4.24 -10.74 -0.83
N GLU A 128 4.39 -11.39 0.32
CA GLU A 128 5.64 -12.06 0.66
C GLU A 128 5.75 -13.28 -0.26
N ARG A 129 6.88 -13.40 -0.93
CA ARG A 129 7.10 -14.49 -1.89
C ARG A 129 7.09 -15.89 -1.30
N SER A 130 7.75 -16.06 -0.16
CA SER A 130 7.84 -17.37 0.47
C SER A 130 6.53 -17.95 1.00
N THR A 131 5.64 -17.09 1.49
CA THR A 131 4.37 -17.55 2.05
C THR A 131 3.12 -17.08 1.32
N LEU A 132 3.27 -16.15 0.38
CA LEU A 132 2.12 -15.62 -0.33
C LEU A 132 1.15 -14.97 0.67
N LYS A 133 1.68 -14.38 1.73
CA LYS A 133 0.84 -13.72 2.72
C LYS A 133 1.00 -12.20 2.60
N PHE A 134 0.01 -11.46 3.10
CA PHE A 134 0.05 -10.01 3.03
C PHE A 134 0.70 -9.43 4.28
N PRO A 135 1.15 -8.17 4.22
CA PRO A 135 1.82 -7.51 5.35
C PRO A 135 1.19 -7.67 6.74
N ALA A 136 -0.09 -7.31 6.87
CA ALA A 136 -0.78 -7.42 8.15
C ALA A 136 -0.85 -8.86 8.64
N GLU A 137 -0.93 -9.80 7.71
CA GLU A 137 -0.97 -11.20 8.07
C GLU A 137 0.40 -11.61 8.60
N ILE A 138 1.45 -11.13 7.95
CA ILE A 138 2.81 -11.45 8.39
C ILE A 138 3.02 -10.92 9.80
N ILE A 139 2.69 -9.64 9.99
CA ILE A 139 2.84 -8.99 11.27
C ILE A 139 1.95 -9.70 12.31
N GLY A 140 0.83 -10.24 11.85
CA GLY A 140 -0.07 -10.95 12.73
C GLY A 140 0.54 -12.24 13.27
N GLU A 141 1.70 -12.61 12.74
CA GLU A 141 2.36 -13.81 13.23
C GLU A 141 3.16 -13.45 14.48
N PHE A 142 3.39 -12.15 14.68
CA PHE A 142 4.15 -11.72 15.84
C PHE A 142 3.33 -10.92 16.84
N LEU A 143 2.31 -10.21 16.35
CA LEU A 143 1.45 -9.40 17.20
C LEU A 143 0.00 -9.84 17.05
N PRO A 144 -0.79 -9.73 18.14
CA PRO A 144 -2.19 -10.12 18.11
C PRO A 144 -3.07 -9.16 17.30
N SER A 145 -4.09 -9.71 16.64
CA SER A 145 -5.01 -8.94 15.81
C SER A 145 -5.67 -7.74 16.49
N PRO A 146 -6.10 -7.90 17.76
CA PRO A 146 -6.74 -6.80 18.47
C PRO A 146 -5.99 -5.47 18.39
N LEU A 147 -4.69 -5.55 18.11
CA LEU A 147 -3.86 -4.36 18.01
C LEU A 147 -3.51 -4.03 16.57
N LEU A 148 -4.05 -4.78 15.62
CA LEU A 148 -3.69 -4.55 14.22
C LEU A 148 -4.74 -3.89 13.33
N SER A 149 -4.33 -2.83 12.66
CA SER A 149 -5.18 -2.12 11.72
C SER A 149 -4.37 -1.88 10.46
N VAL A 150 -5.06 -1.59 9.36
CA VAL A 150 -4.39 -1.33 8.09
C VAL A 150 -4.84 0.03 7.55
N LEU A 151 -3.91 0.77 6.94
CA LEU A 151 -4.24 2.06 6.37
C LEU A 151 -4.08 1.97 4.86
N ALA A 152 -5.13 2.35 4.13
CA ALA A 152 -5.11 2.29 2.68
C ALA A 152 -6.10 3.31 2.09
N GLY A 153 -5.76 3.85 0.93
CA GLY A 153 -6.61 4.83 0.28
C GLY A 153 -5.81 5.60 -0.75
N PRO A 154 -6.46 6.46 -1.56
CA PRO A 154 -5.75 7.24 -2.57
C PRO A 154 -4.89 8.25 -1.81
N SER A 155 -3.59 7.99 -1.73
CA SER A 155 -2.73 8.88 -0.96
C SER A 155 -1.30 9.10 -1.44
N PHE A 156 -1.14 9.80 -2.56
CA PHE A 156 0.19 10.12 -3.08
C PHE A 156 0.95 10.77 -1.92
N ALA A 157 2.16 10.27 -1.66
CA ALA A 157 3.00 10.76 -0.55
C ALA A 157 3.23 12.28 -0.52
N ILE A 158 3.64 12.85 -1.65
CA ILE A 158 3.90 14.29 -1.70
C ILE A 158 2.70 15.08 -1.20
N GLU A 159 1.51 14.75 -1.71
CA GLU A 159 0.30 15.45 -1.28
C GLU A 159 0.03 15.27 0.21
N VAL A 160 0.21 14.04 0.70
CA VAL A 160 -0.02 13.79 2.11
C VAL A 160 1.01 14.55 2.96
N ALA A 161 2.28 14.49 2.56
CA ALA A 161 3.34 15.14 3.30
C ALA A 161 3.17 16.66 3.41
N THR A 162 2.65 17.28 2.35
CA THR A 162 2.45 18.72 2.36
C THR A 162 1.06 19.18 2.82
N GLY A 163 0.28 18.24 3.33
CA GLY A 163 -1.05 18.57 3.83
C GLY A 163 -2.16 18.83 2.82
N VAL A 164 -1.96 18.44 1.57
CA VAL A 164 -3.00 18.63 0.56
C VAL A 164 -4.11 17.61 0.86
N PHE A 165 -5.35 18.07 0.86
CA PHE A 165 -6.51 17.23 1.18
C PHE A 165 -6.46 15.78 0.72
N THR A 166 -6.54 14.87 1.68
CA THR A 166 -6.47 13.45 1.42
C THR A 166 -7.42 12.62 2.28
N CYS A 167 -8.00 11.59 1.69
CA CYS A 167 -8.91 10.68 2.38
C CYS A 167 -8.40 9.26 2.31
N VAL A 168 -8.42 8.55 3.43
CA VAL A 168 -7.99 7.16 3.46
C VAL A 168 -8.91 6.37 4.39
N SER A 169 -8.83 5.05 4.32
CA SER A 169 -9.65 4.24 5.18
C SER A 169 -8.72 3.53 6.15
N ILE A 170 -9.24 3.22 7.33
CA ILE A 170 -8.47 2.51 8.34
C ILE A 170 -9.28 1.24 8.56
N ALA A 171 -8.66 0.09 8.31
CA ALA A 171 -9.37 -1.18 8.44
C ALA A 171 -8.93 -2.02 9.63
N SER A 172 -9.92 -2.61 10.28
CA SER A 172 -9.68 -3.48 11.42
C SER A 172 -10.90 -4.40 11.58
N ALA A 173 -10.65 -5.70 11.77
CA ALA A 173 -11.71 -6.68 11.94
C ALA A 173 -12.74 -6.13 12.92
N ASP A 174 -12.23 -5.57 14.01
CA ASP A 174 -13.06 -4.96 15.03
C ASP A 174 -13.13 -3.47 14.67
N ILE A 175 -14.27 -3.05 14.15
CA ILE A 175 -14.48 -1.67 13.73
C ILE A 175 -14.10 -0.66 14.81
N ASN A 176 -14.34 -0.98 16.07
CA ASN A 176 -14.00 -0.07 17.16
C ASN A 176 -12.51 0.21 17.22
N VAL A 177 -11.70 -0.76 16.82
CA VAL A 177 -10.27 -0.57 16.81
C VAL A 177 -9.91 0.45 15.71
N ALA A 178 -10.57 0.30 14.56
CA ALA A 178 -10.34 1.20 13.44
C ALA A 178 -10.75 2.63 13.80
N ARG A 179 -11.88 2.75 14.50
CA ARG A 179 -12.40 4.06 14.88
C ARG A 179 -11.45 4.81 15.80
N ARG A 180 -10.72 4.10 16.64
CA ARG A 180 -9.79 4.78 17.54
C ARG A 180 -8.56 5.27 16.77
N LEU A 181 -8.07 4.45 15.84
CA LEU A 181 -6.92 4.84 15.04
C LEU A 181 -7.32 6.01 14.16
N GLN A 182 -8.60 6.06 13.84
CA GLN A 182 -9.19 7.10 13.01
C GLN A 182 -9.17 8.43 13.76
N ARG A 183 -9.23 8.37 15.09
CA ARG A 183 -9.22 9.55 15.92
C ARG A 183 -7.78 10.05 16.08
N ILE A 184 -6.83 9.14 15.91
CA ILE A 184 -5.43 9.48 16.03
C ILE A 184 -4.82 10.02 14.73
N MET A 185 -5.13 9.37 13.63
CA MET A 185 -4.58 9.76 12.32
C MET A 185 -5.23 10.98 11.65
N SER A 186 -6.50 11.22 11.92
CA SER A 186 -7.19 12.36 11.32
C SER A 186 -6.65 13.68 11.91
N THR A 187 -6.29 14.61 11.03
CA THR A 187 -5.72 15.90 11.46
C THR A 187 -6.71 16.99 11.88
N GLY A 188 -6.23 17.88 12.74
CA GLY A 188 -7.05 18.97 13.25
C GLY A 188 -7.62 19.93 12.23
N ASP A 189 -6.93 20.11 11.10
CA ASP A 189 -7.43 21.01 10.06
C ASP A 189 -8.25 20.27 8.99
N ARG A 190 -8.57 19.01 9.26
CA ARG A 190 -9.36 18.19 8.34
C ARG A 190 -8.70 18.04 6.97
N SER A 191 -7.37 18.04 6.93
CA SER A 191 -6.65 17.88 5.66
C SER A 191 -6.34 16.40 5.40
N PHE A 192 -6.41 15.58 6.44
CA PHE A 192 -6.18 14.14 6.32
C PHE A 192 -7.36 13.54 7.08
N VAL A 193 -8.32 13.00 6.33
CA VAL A 193 -9.54 12.42 6.90
C VAL A 193 -9.55 10.90 6.74
N CYS A 194 -9.83 10.20 7.85
CA CYS A 194 -9.85 8.75 7.85
C CYS A 194 -11.25 8.18 8.01
N TRP A 195 -11.53 7.11 7.27
CA TRP A 195 -12.82 6.44 7.32
C TRP A 195 -12.63 5.01 7.82
N ALA A 196 -13.46 4.60 8.76
CA ALA A 196 -13.38 3.26 9.35
C ALA A 196 -14.06 2.17 8.54
N THR A 197 -13.44 0.99 8.52
CA THR A 197 -13.98 -0.16 7.81
C THR A 197 -13.41 -1.44 8.46
N THR A 198 -14.04 -2.58 8.17
CA THR A 198 -13.60 -3.86 8.74
C THR A 198 -12.82 -4.71 7.75
N ASP A 199 -12.93 -4.36 6.47
CA ASP A 199 -12.29 -5.14 5.41
C ASP A 199 -10.76 -5.05 5.28
N THR A 200 -10.05 -5.59 6.27
CA THR A 200 -8.59 -5.58 6.23
C THR A 200 -8.06 -6.33 5.01
N VAL A 201 -8.65 -7.48 4.71
CA VAL A 201 -8.23 -8.29 3.57
C VAL A 201 -8.39 -7.53 2.24
N GLY A 202 -9.57 -6.93 2.05
CA GLY A 202 -9.80 -6.19 0.83
C GLY A 202 -8.77 -5.08 0.67
N CYS A 203 -8.44 -4.41 1.76
CA CYS A 203 -7.45 -3.33 1.72
C CYS A 203 -6.08 -3.84 1.31
N GLU A 204 -5.65 -4.96 1.90
CA GLU A 204 -4.34 -5.52 1.57
C GLU A 204 -4.32 -6.05 0.14
N VAL A 205 -5.42 -6.68 -0.27
CA VAL A 205 -5.51 -7.19 -1.63
C VAL A 205 -5.43 -6.05 -2.63
N ALA A 206 -6.29 -5.05 -2.45
CA ALA A 206 -6.31 -3.90 -3.35
C ALA A 206 -4.95 -3.19 -3.42
N SER A 207 -4.30 -3.04 -2.27
CA SER A 207 -3.01 -2.36 -2.21
C SER A 207 -1.91 -3.08 -2.99
N ALA A 208 -2.02 -4.39 -3.09
CA ALA A 208 -1.02 -5.19 -3.80
C ALA A 208 -1.35 -5.28 -5.28
N VAL A 209 -2.58 -5.67 -5.58
CA VAL A 209 -3.03 -5.83 -6.97
C VAL A 209 -3.01 -4.53 -7.78
N LYS A 210 -3.25 -3.39 -7.13
CA LYS A 210 -3.27 -2.11 -7.86
C LYS A 210 -1.97 -1.86 -8.60
N ASN A 211 -0.85 -2.32 -8.06
CA ASN A 211 0.45 -2.10 -8.69
C ASN A 211 0.62 -2.91 -9.95
N VAL A 212 0.04 -4.10 -9.97
CA VAL A 212 0.11 -4.95 -11.13
C VAL A 212 -0.77 -4.31 -12.21
N LEU A 213 -1.98 -3.92 -11.83
CA LEU A 213 -2.91 -3.29 -12.76
C LEU A 213 -2.34 -1.98 -13.33
N ALA A 214 -1.58 -1.25 -12.51
CA ALA A 214 -0.99 0.01 -12.97
C ALA A 214 -0.03 -0.26 -14.14
N ILE A 215 0.61 -1.42 -14.14
CA ILE A 215 1.51 -1.74 -15.23
C ILE A 215 0.67 -1.96 -16.49
N GLY A 216 -0.51 -2.55 -16.30
CA GLY A 216 -1.40 -2.78 -17.42
C GLY A 216 -1.86 -1.46 -17.98
N SER A 217 -2.05 -0.49 -17.09
CA SER A 217 -2.47 0.84 -17.51
C SER A 217 -1.36 1.42 -18.39
N GLY A 218 -0.12 1.20 -17.99
CA GLY A 218 1.00 1.68 -18.77
C GLY A 218 1.01 1.02 -20.14
N VAL A 219 0.81 -0.29 -20.15
CA VAL A 219 0.78 -1.05 -21.40
C VAL A 219 -0.24 -0.46 -22.36
N ALA A 220 -1.45 -0.23 -21.87
CA ALA A 220 -2.52 0.34 -22.67
C ALA A 220 -2.07 1.65 -23.33
N ASN A 221 -1.40 2.49 -22.55
CA ASN A 221 -0.91 3.77 -23.07
C ASN A 221 0.17 3.56 -24.13
N GLY A 222 1.17 2.74 -23.81
CA GLY A 222 2.24 2.48 -24.76
C GLY A 222 1.72 1.76 -26.00
N LEU A 223 0.52 1.20 -25.90
CA LEU A 223 -0.06 0.45 -27.01
C LEU A 223 -0.86 1.37 -27.94
N GLY A 224 -0.99 2.63 -27.57
CA GLY A 224 -1.72 3.57 -28.39
C GLY A 224 -3.14 3.87 -27.92
N MET A 225 -3.58 3.19 -26.87
CA MET A 225 -4.93 3.39 -26.34
C MET A 225 -5.03 4.70 -25.56
N GLY A 226 -6.26 5.13 -25.30
CA GLY A 226 -6.47 6.38 -24.60
C GLY A 226 -7.08 6.23 -23.22
N LEU A 227 -7.83 7.24 -22.80
CA LEU A 227 -8.45 7.26 -21.48
C LEU A 227 -9.69 6.37 -21.32
N ASN A 228 -10.34 6.03 -22.43
CA ASN A 228 -11.51 5.16 -22.33
C ASN A 228 -10.99 3.78 -21.90
N ALA A 229 -9.88 3.37 -22.51
CA ALA A 229 -9.28 2.09 -22.21
C ALA A 229 -8.83 2.01 -20.76
N ARG A 230 -8.24 3.10 -20.27
CA ARG A 230 -7.77 3.14 -18.89
C ARG A 230 -8.94 3.00 -17.92
N ALA A 231 -10.05 3.66 -18.23
CA ALA A 231 -11.24 3.59 -17.38
C ALA A 231 -11.79 2.16 -17.35
N ALA A 232 -11.76 1.48 -18.51
CA ALA A 232 -12.24 0.11 -18.58
C ALA A 232 -11.33 -0.84 -17.80
N LEU A 233 -10.02 -0.63 -17.88
CA LEU A 233 -9.06 -1.47 -17.18
C LEU A 233 -9.27 -1.36 -15.66
N ILE A 234 -9.54 -0.15 -15.21
CA ILE A 234 -9.79 0.10 -13.78
C ILE A 234 -11.05 -0.61 -13.32
N MET A 235 -12.12 -0.46 -14.09
CA MET A 235 -13.41 -1.05 -13.75
C MET A 235 -13.38 -2.57 -13.80
N ARG A 236 -12.78 -3.15 -14.84
CA ARG A 236 -12.71 -4.60 -14.93
C ARG A 236 -11.66 -5.15 -13.97
N GLY A 237 -10.62 -4.36 -13.74
CA GLY A 237 -9.57 -4.77 -12.83
C GLY A 237 -10.05 -4.87 -11.40
N LEU A 238 -10.91 -3.94 -11.01
CA LEU A 238 -11.46 -3.92 -9.66
C LEU A 238 -12.17 -5.23 -9.33
N LEU A 239 -12.75 -5.86 -10.35
CA LEU A 239 -13.45 -7.13 -10.15
C LEU A 239 -12.48 -8.24 -9.79
N GLU A 240 -11.24 -8.13 -10.26
CA GLU A 240 -10.24 -9.14 -9.95
C GLU A 240 -9.86 -8.99 -8.47
N ILE A 241 -9.81 -7.74 -8.01
CA ILE A 241 -9.50 -7.46 -6.62
C ILE A 241 -10.63 -8.04 -5.76
N ARG A 242 -11.87 -7.82 -6.22
CA ARG A 242 -13.03 -8.32 -5.51
C ARG A 242 -13.00 -9.85 -5.37
N ASP A 243 -12.83 -10.53 -6.51
CA ASP A 243 -12.82 -11.99 -6.51
C ASP A 243 -11.73 -12.59 -5.65
N LEU A 244 -10.52 -12.03 -5.71
CA LEU A 244 -9.44 -12.55 -4.89
C LEU A 244 -9.75 -12.29 -3.43
N THR A 245 -10.33 -11.14 -3.12
CA THR A 245 -10.68 -10.82 -1.74
C THR A 245 -11.66 -11.84 -1.17
N ALA A 246 -12.64 -12.23 -1.97
CA ALA A 246 -13.63 -13.21 -1.55
C ALA A 246 -12.98 -14.54 -1.22
N ALA A 247 -12.11 -15.00 -2.12
CA ALA A 247 -11.41 -16.27 -1.95
C ALA A 247 -10.51 -16.30 -0.73
N LEU A 248 -10.06 -15.12 -0.28
CA LEU A 248 -9.19 -15.04 0.88
C LEU A 248 -9.99 -14.87 2.17
N GLY A 249 -11.32 -14.92 2.06
CA GLY A 249 -12.17 -14.78 3.23
C GLY A 249 -12.51 -13.35 3.63
N GLY A 250 -12.12 -12.37 2.81
CA GLY A 250 -12.42 -10.98 3.14
C GLY A 250 -13.90 -10.66 3.00
N ASP A 251 -14.38 -9.67 3.75
CA ASP A 251 -15.79 -9.34 3.67
C ASP A 251 -16.10 -8.48 2.43
N GLY A 252 -15.05 -7.92 1.82
CA GLY A 252 -15.21 -7.13 0.61
C GLY A 252 -15.75 -5.70 0.68
N SER A 253 -16.12 -5.23 1.86
CA SER A 253 -16.66 -3.88 1.98
C SER A 253 -15.70 -2.76 1.58
N ALA A 254 -14.40 -3.05 1.50
CA ALA A 254 -13.41 -2.04 1.11
C ALA A 254 -13.20 -1.96 -0.39
N VAL A 255 -13.60 -3.01 -1.10
CA VAL A 255 -13.42 -3.06 -2.55
C VAL A 255 -13.88 -1.84 -3.33
N PHE A 256 -15.11 -1.39 -3.07
CA PHE A 256 -15.61 -0.23 -3.77
C PHE A 256 -15.45 1.06 -2.98
N GLY A 257 -14.52 1.04 -2.02
CA GLY A 257 -14.28 2.22 -1.21
C GLY A 257 -12.92 2.84 -1.52
N LEU A 258 -12.44 3.68 -0.61
CA LEU A 258 -11.16 4.37 -0.76
C LEU A 258 -9.97 3.47 -1.02
N ALA A 259 -9.83 2.39 -0.24
CA ALA A 259 -8.70 1.48 -0.41
C ALA A 259 -8.80 0.68 -1.71
N GLY A 260 -10.03 0.47 -2.18
CA GLY A 260 -10.24 -0.29 -3.39
C GLY A 260 -10.20 0.57 -4.65
N LEU A 261 -11.38 0.91 -5.18
CA LEU A 261 -11.44 1.72 -6.40
C LEU A 261 -10.77 3.09 -6.26
N GLY A 262 -10.87 3.68 -5.07
CA GLY A 262 -10.26 4.98 -4.85
C GLY A 262 -8.77 4.97 -5.14
N ASP A 263 -8.04 4.12 -4.43
CA ASP A 263 -6.60 4.02 -4.60
C ASP A 263 -6.23 3.44 -5.97
N LEU A 264 -7.06 2.52 -6.48
CA LEU A 264 -6.80 1.90 -7.77
C LEU A 264 -6.83 2.90 -8.93
N GLN A 265 -7.87 3.72 -8.99
CA GLN A 265 -7.98 4.68 -10.08
C GLN A 265 -6.86 5.72 -10.00
N LEU A 266 -6.48 6.08 -8.78
CA LEU A 266 -5.39 7.03 -8.60
C LEU A 266 -4.08 6.42 -9.08
N THR A 267 -3.80 5.21 -8.62
CA THR A 267 -2.55 4.52 -8.96
C THR A 267 -2.43 4.23 -10.45
N CYS A 268 -3.55 3.96 -11.10
CA CYS A 268 -3.55 3.66 -12.53
C CYS A 268 -3.48 4.92 -13.39
N SER A 269 -3.68 6.09 -12.78
CA SER A 269 -3.63 7.33 -13.53
C SER A 269 -2.35 8.13 -13.26
N SER A 270 -1.41 7.52 -12.54
CA SER A 270 -0.15 8.18 -12.23
C SER A 270 0.84 7.87 -13.35
N GLU A 271 0.74 8.61 -14.45
CA GLU A 271 1.58 8.41 -15.62
C GLU A 271 3.09 8.47 -15.39
N LEU A 272 3.53 9.18 -14.36
CA LEU A 272 4.96 9.28 -14.10
C LEU A 272 5.46 8.21 -13.14
N SER A 273 4.56 7.39 -12.61
CA SER A 273 4.97 6.32 -11.69
C SER A 273 5.76 5.26 -12.44
N ARG A 274 6.60 4.53 -11.71
CA ARG A 274 7.42 3.49 -12.30
C ARG A 274 6.58 2.34 -12.86
N ASN A 275 5.47 2.03 -12.21
CA ASN A 275 4.61 0.95 -12.70
C ASN A 275 4.12 1.34 -14.10
N PHE A 276 3.66 2.58 -14.24
CA PHE A 276 3.15 3.07 -15.52
C PHE A 276 4.22 3.08 -16.60
N THR A 277 5.37 3.67 -16.28
CA THR A 277 6.47 3.76 -17.25
C THR A 277 6.94 2.39 -17.71
N VAL A 278 7.06 1.45 -16.78
CA VAL A 278 7.48 0.11 -17.15
C VAL A 278 6.43 -0.47 -18.10
N GLY A 279 5.16 -0.29 -17.76
CA GLY A 279 4.09 -0.80 -18.60
C GLY A 279 4.09 -0.17 -19.97
N LYS A 280 4.35 1.14 -20.03
CA LYS A 280 4.38 1.88 -21.28
C LYS A 280 5.48 1.34 -22.20
N LYS A 281 6.66 1.12 -21.64
CA LYS A 281 7.77 0.60 -22.42
C LYS A 281 7.46 -0.80 -22.92
N LEU A 282 6.74 -1.57 -22.11
CA LEU A 282 6.37 -2.92 -22.51
C LEU A 282 5.36 -2.85 -23.65
N GLY A 283 4.46 -1.88 -23.57
CA GLY A 283 3.46 -1.71 -24.61
C GLY A 283 4.09 -1.25 -25.91
N LYS A 284 5.25 -0.62 -25.80
CA LYS A 284 5.96 -0.14 -26.97
C LYS A 284 6.89 -1.18 -27.57
N GLY A 285 6.88 -2.38 -27.00
CA GLY A 285 7.72 -3.45 -27.53
C GLY A 285 9.08 -3.67 -26.91
N LEU A 286 9.43 -2.89 -25.89
CA LEU A 286 10.73 -3.05 -25.24
C LEU A 286 10.72 -4.27 -24.31
N PRO A 287 11.76 -5.10 -24.38
CA PRO A 287 11.85 -6.28 -23.53
C PRO A 287 12.09 -5.88 -22.06
N ILE A 288 11.53 -6.66 -21.14
CA ILE A 288 11.68 -6.35 -19.71
C ILE A 288 13.14 -6.19 -19.29
N GLU A 289 14.03 -7.03 -19.82
CA GLU A 289 15.46 -6.95 -19.49
C GLU A 289 15.98 -5.54 -19.70
N GLU A 290 15.73 -5.00 -20.90
CA GLU A 290 16.16 -3.65 -21.27
C GLU A 290 15.59 -2.60 -20.32
N ILE A 291 14.32 -2.72 -19.99
CA ILE A 291 13.65 -1.77 -19.11
C ILE A 291 14.28 -1.75 -17.72
N GLN A 292 14.53 -2.94 -17.19
CA GLN A 292 15.11 -3.09 -15.86
C GLN A 292 16.45 -2.37 -15.69
N ARG A 293 16.39 -1.15 -15.14
CA ARG A 293 17.57 -0.32 -14.89
C ARG A 293 17.57 0.29 -13.50
N ALA A 297 15.13 -0.32 -12.57
CA ALA A 297 14.09 0.29 -11.76
C ALA A 297 13.03 -0.75 -11.42
N VAL A 298 12.99 -1.16 -10.15
CA VAL A 298 12.05 -2.17 -9.70
C VAL A 298 10.68 -1.61 -9.34
N ALA A 299 9.74 -1.74 -10.28
CA ALA A 299 8.38 -1.26 -10.06
C ALA A 299 7.68 -2.29 -9.19
N GLU A 300 6.89 -1.83 -8.23
CA GLU A 300 6.18 -2.74 -7.33
C GLU A 300 5.34 -3.74 -8.12
N GLY A 301 4.76 -3.28 -9.23
CA GLY A 301 3.94 -4.14 -10.05
C GLY A 301 4.67 -5.36 -10.58
N VAL A 302 5.93 -5.18 -10.97
CA VAL A 302 6.71 -6.30 -11.50
C VAL A 302 6.96 -7.34 -10.41
N ALA A 303 7.43 -6.89 -9.25
CA ALA A 303 7.71 -7.78 -8.14
C ALA A 303 6.46 -8.48 -7.61
N THR A 304 5.32 -7.80 -7.67
CA THR A 304 4.08 -8.36 -7.15
C THR A 304 3.38 -9.34 -8.09
N ALA A 305 3.56 -9.18 -9.39
CA ALA A 305 2.91 -10.03 -10.38
C ALA A 305 3.14 -11.54 -10.24
N ASP A 306 4.35 -11.96 -9.90
CA ASP A 306 4.61 -13.40 -9.76
C ASP A 306 3.88 -14.00 -8.56
N PRO A 307 4.13 -13.49 -7.35
CA PRO A 307 3.45 -14.07 -6.20
C PRO A 307 1.92 -13.93 -6.30
N LEU A 308 1.46 -12.88 -6.97
CA LEU A 308 0.02 -12.69 -7.12
C LEU A 308 -0.55 -13.82 -7.96
N MET A 309 0.13 -14.13 -9.07
CA MET A 309 -0.31 -15.20 -9.96
C MET A 309 -0.27 -16.55 -9.23
N ARG A 310 0.76 -16.77 -8.43
CA ARG A 310 0.87 -18.03 -7.71
C ARG A 310 -0.22 -18.16 -6.65
N LEU A 311 -0.55 -17.05 -6.00
CA LEU A 311 -1.60 -17.06 -4.98
C LEU A 311 -2.95 -17.29 -5.66
N ALA A 312 -3.17 -16.62 -6.79
CA ALA A 312 -4.40 -16.76 -7.55
C ALA A 312 -4.61 -18.21 -7.98
N LYS A 313 -3.57 -18.83 -8.52
CA LYS A 313 -3.64 -20.21 -8.96
C LYS A 313 -3.95 -21.12 -7.78
N GLN A 314 -3.26 -20.87 -6.68
CA GLN A 314 -3.44 -21.67 -5.46
C GLN A 314 -4.89 -21.64 -4.98
N LEU A 315 -5.57 -20.52 -5.18
CA LEU A 315 -6.96 -20.38 -4.73
C LEU A 315 -7.98 -20.57 -5.85
N LYS A 316 -7.48 -20.85 -7.06
CA LYS A 316 -8.36 -21.05 -8.21
C LYS A 316 -9.13 -19.78 -8.52
N VAL A 317 -8.46 -18.64 -8.46
CA VAL A 317 -9.12 -17.37 -8.76
C VAL A 317 -8.66 -16.83 -10.11
N LYS A 318 -9.60 -16.71 -11.04
CA LYS A 318 -9.28 -16.18 -12.36
C LYS A 318 -9.14 -14.68 -12.30
N MET A 319 -8.02 -14.17 -12.79
CA MET A 319 -7.73 -12.74 -12.82
C MET A 319 -7.20 -12.44 -14.22
N PRO A 320 -8.10 -12.33 -15.21
CA PRO A 320 -7.79 -12.06 -16.62
C PRO A 320 -6.72 -11.02 -16.87
N LEU A 321 -6.95 -9.79 -16.42
CA LEU A 321 -5.99 -8.71 -16.61
C LEU A 321 -4.64 -8.99 -15.95
N CYS A 322 -4.68 -9.31 -14.66
CA CYS A 322 -3.44 -9.58 -13.92
C CYS A 322 -2.68 -10.77 -14.50
N HIS A 323 -3.40 -11.76 -15.02
CA HIS A 323 -2.73 -12.92 -15.61
C HIS A 323 -2.01 -12.50 -16.88
N GLN A 324 -2.68 -11.72 -17.71
CA GLN A 324 -2.06 -11.26 -18.95
C GLN A 324 -0.87 -10.34 -18.67
N ILE A 325 -0.98 -9.52 -17.63
CA ILE A 325 0.10 -8.62 -17.28
C ILE A 325 1.30 -9.44 -16.82
N TYR A 326 1.04 -10.55 -16.12
CA TYR A 326 2.11 -11.42 -15.67
C TYR A 326 2.83 -12.02 -16.88
N GLU A 327 2.06 -12.42 -17.89
CA GLU A 327 2.62 -13.01 -19.10
C GLU A 327 3.51 -12.01 -19.84
N ILE A 328 3.02 -10.78 -19.96
CA ILE A 328 3.78 -9.74 -20.64
C ILE A 328 5.10 -9.45 -19.92
N VAL A 329 5.03 -9.37 -18.60
CA VAL A 329 6.20 -9.08 -17.78
C VAL A 329 7.17 -10.24 -17.59
N TYR A 330 6.64 -11.43 -17.32
CA TYR A 330 7.48 -12.59 -17.07
C TYR A 330 7.69 -13.58 -18.20
N LYS A 331 6.75 -13.64 -19.14
CA LYS A 331 6.86 -14.60 -20.24
C LYS A 331 6.99 -13.98 -21.62
N LYS A 332 7.58 -12.79 -21.68
CA LYS A 332 7.80 -12.09 -22.93
C LYS A 332 6.62 -12.15 -23.90
N LYS A 333 5.41 -12.15 -23.39
CA LYS A 333 4.24 -12.21 -24.25
C LYS A 333 4.01 -10.86 -24.93
N ASN A 334 3.69 -10.90 -26.21
CA ASN A 334 3.44 -9.69 -26.97
C ASN A 334 2.17 -9.01 -26.45
N PRO A 335 2.29 -7.75 -26.02
CA PRO A 335 1.16 -6.96 -25.48
C PRO A 335 -0.09 -7.03 -26.36
N ARG A 336 0.09 -6.94 -27.66
CA ARG A 336 -1.02 -6.96 -28.61
C ARG A 336 -1.71 -8.31 -28.61
N ASP A 337 -0.93 -9.38 -28.50
CA ASP A 337 -1.48 -10.73 -28.46
C ASP A 337 -2.23 -10.93 -27.14
N ALA A 338 -1.65 -10.42 -26.06
CA ALA A 338 -2.25 -10.54 -24.73
C ALA A 338 -3.63 -9.90 -24.79
N LEU A 339 -3.69 -8.72 -25.39
CA LEU A 339 -4.93 -7.97 -25.53
C LEU A 339 -5.98 -8.81 -26.27
N ALA A 340 -5.58 -9.39 -27.41
CA ALA A 340 -6.51 -10.20 -28.20
C ALA A 340 -7.00 -11.42 -27.42
N ASP A 341 -6.10 -12.04 -26.65
CA ASP A 341 -6.50 -13.19 -25.85
C ASP A 341 -7.55 -12.76 -24.84
N LEU A 342 -7.35 -11.58 -24.22
CA LEU A 342 -8.29 -11.06 -23.24
C LEU A 342 -9.67 -10.85 -23.85
N LEU A 343 -9.70 -10.47 -25.13
CA LEU A 343 -10.97 -10.20 -25.81
C LEU A 343 -11.55 -11.39 -26.56
N SER A 344 -10.87 -12.53 -26.50
CA SER A 344 -11.35 -13.74 -27.20
C SER A 344 -12.54 -14.37 -26.47
N CYS A 345 -12.81 -13.88 -25.26
CA CYS A 345 -13.90 -14.39 -24.45
C CYS A 345 -15.27 -14.28 -25.14
N GLY A 346 -15.45 -13.22 -25.91
CA GLY A 346 -16.71 -13.03 -26.60
C GLY A 346 -17.62 -12.07 -25.84
N LEU A 347 -18.78 -11.77 -26.40
CA LEU A 347 -19.75 -10.87 -25.77
C LEU A 347 -20.23 -11.42 -24.44
N GLN A 348 -20.18 -10.60 -23.40
CA GLN A 348 -20.62 -11.04 -22.07
C GLN A 348 -21.42 -9.97 -21.34
N ASP A 349 -22.03 -10.38 -20.23
CA ASP A 349 -22.78 -9.45 -19.40
C ASP A 349 -21.72 -8.82 -18.51
N GLU A 350 -22.01 -7.63 -17.99
CA GLU A 350 -21.05 -6.94 -17.14
C GLU A 350 -20.67 -7.75 -15.89
N GLY A 351 -21.54 -8.66 -15.49
CA GLY A 351 -21.24 -9.50 -14.34
C GLY A 351 -21.28 -8.87 -12.95
N LEU A 352 -22.08 -7.83 -12.76
CA LEU A 352 -22.20 -7.20 -11.45
C LEU A 352 -23.58 -7.53 -10.89
N PRO A 353 -23.64 -7.96 -9.61
CA PRO A 353 -24.92 -8.30 -9.00
C PRO A 353 -25.75 -7.06 -8.70
N PRO A 354 -27.08 -7.20 -8.58
CA PRO A 354 -27.87 -6.00 -8.29
C PRO A 354 -27.62 -5.62 -6.84
N LEU A 355 -27.72 -4.34 -6.52
CA LEU A 355 -27.52 -3.90 -5.14
C LEU A 355 -28.86 -3.85 -4.42
N PHE A 356 -29.91 -3.61 -5.19
CA PHE A 356 -31.25 -3.50 -4.63
C PHE A 356 -32.22 -4.48 -5.29
N LYS A 357 -33.06 -5.10 -4.47
CA LYS A 357 -34.04 -6.07 -4.96
C LYS A 357 -35.36 -5.38 -5.28
#